data_4Y0A
#
_entry.id   4Y0A
#
_cell.length_a   81.980
_cell.length_b   85.810
_cell.length_c   112.720
_cell.angle_alpha   90.000
_cell.angle_beta   90.000
_cell.angle_gamma   90.000
#
_symmetry.space_group_name_H-M   'I 21 21 21'
#
loop_
_entity.id
_entity.type
_entity.pdbx_description
1 polymer 'Shikimate kinase'
2 non-polymer '(3R,4S,5R)-3,4,5-TRIHYDROXYCYCLOHEX-1-ENE-1-CARBOXYLIC ACID'
3 non-polymer 'SULFATE ION'
4 water water
#
_entity_poly.entity_id   1
_entity_poly.type   'polypeptide(L)'
_entity_poly.pdbx_seq_one_letter_code
;PSKAFETLPNIYLVGPMGAGKTTVGRHLAELLGREFLDSDHEIERKTGATIPWIFEKEGEVGFRTRETVVLNELTSRKAL
VLATGGGAITQAPNREFLKQRGIVVYLYTPVELQLQRTYRDKNRPLLQVENPEQKLRDLLKIRDPLYREVAHYTIETNQG
AARDLAQKILQLILSNKLK
;
_entity_poly.pdbx_strand_id   A
#
# COMPACT_ATOMS: atom_id res chain seq x y z
N PRO A 1 -24.13 -9.56 -4.00
CA PRO A 1 -24.35 -8.57 -5.08
C PRO A 1 -23.20 -8.60 -6.09
N SER A 2 -22.01 -8.20 -5.65
CA SER A 2 -20.77 -8.49 -6.35
C SER A 2 -20.16 -9.76 -5.75
N LYS A 3 -21.02 -10.72 -5.37
CA LYS A 3 -20.62 -12.09 -5.03
C LYS A 3 -20.02 -12.74 -6.29
N ALA A 4 -20.25 -12.08 -7.42
CA ALA A 4 -19.56 -12.26 -8.68
C ALA A 4 -18.03 -12.35 -8.57
N PHE A 5 -17.43 -11.59 -7.66
CA PHE A 5 -15.97 -11.54 -7.56
C PHE A 5 -15.47 -12.30 -6.38
N GLU A 6 -16.31 -13.16 -5.81
CA GLU A 6 -15.92 -13.80 -4.54
C GLU A 6 -14.65 -14.67 -4.73
N THR A 7 -14.43 -15.25 -5.91
CA THR A 7 -13.20 -16.06 -6.11
C THR A 7 -12.01 -15.25 -6.62
N LEU A 8 -12.16 -13.96 -6.83
CA LEU A 8 -10.99 -13.17 -7.16
C LEU A 8 -10.08 -13.11 -5.91
N PRO A 9 -8.75 -13.32 -6.07
CA PRO A 9 -7.82 -13.20 -4.95
C PRO A 9 -7.83 -11.82 -4.24
N ASN A 10 -7.19 -11.78 -3.08
CA ASN A 10 -6.96 -10.49 -2.42
C ASN A 10 -6.22 -9.59 -3.38
N ILE A 11 -6.48 -8.29 -3.31
CA ILE A 11 -5.67 -7.31 -4.02
C ILE A 11 -4.89 -6.45 -3.00
N TYR A 12 -3.58 -6.28 -3.26
CA TYR A 12 -2.65 -5.57 -2.38
C TYR A 12 -2.07 -4.39 -3.12
N LEU A 13 -2.30 -3.18 -2.61
CA LEU A 13 -1.72 -1.98 -3.21
C LEU A 13 -0.42 -1.63 -2.51
N VAL A 14 0.62 -1.47 -3.34
CA VAL A 14 1.95 -1.05 -2.87
C VAL A 14 2.37 0.23 -3.56
N GLY A 15 3.27 0.96 -2.91
CA GLY A 15 3.87 2.17 -3.43
C GLY A 15 4.18 3.13 -2.34
N PRO A 16 4.70 4.29 -2.70
CA PRO A 16 5.23 5.22 -1.71
C PRO A 16 4.13 5.94 -0.91
N MET A 17 4.54 6.55 0.19
CA MET A 17 3.73 7.54 0.90
C MET A 17 3.21 8.50 -0.20
N GLY A 18 1.93 8.82 -0.19
CA GLY A 18 1.36 9.78 -1.14
C GLY A 18 1.00 9.16 -2.47
N ALA A 19 0.85 7.84 -2.53
CA ALA A 19 0.42 7.18 -3.75
C ALA A 19 -1.10 7.05 -3.85
N GLY A 20 -1.81 7.37 -2.77
CA GLY A 20 -3.27 7.22 -2.87
C GLY A 20 -3.70 5.80 -2.57
N LYS A 21 -2.84 5.04 -1.87
CA LYS A 21 -3.18 3.63 -1.61
C LYS A 21 -4.49 3.46 -0.84
N THR A 22 -4.74 4.32 0.15
CA THR A 22 -5.97 4.10 0.91
C THR A 22 -7.18 4.65 0.18
N THR A 23 -7.08 5.73 -0.59
CA THR A 23 -8.26 6.24 -1.27
C THR A 23 -8.64 5.33 -2.45
N VAL A 24 -7.61 4.91 -3.21
CA VAL A 24 -7.85 4.01 -4.32
C VAL A 24 -8.35 2.63 -3.79
N GLY A 25 -7.69 2.13 -2.77
CA GLY A 25 -8.03 0.85 -2.14
C GLY A 25 -9.46 0.82 -1.71
N ARG A 26 -9.91 1.88 -1.01
CA ARG A 26 -11.27 1.85 -0.51
C ARG A 26 -12.30 1.87 -1.65
N HIS A 27 -12.07 2.67 -2.71
CA HIS A 27 -12.95 2.60 -3.90
C HIS A 27 -12.91 1.19 -4.52
N LEU A 28 -11.73 0.59 -4.60
CA LEU A 28 -11.62 -0.72 -5.27
C LEU A 28 -12.42 -1.76 -4.46
N ALA A 29 -12.32 -1.69 -3.13
CA ALA A 29 -13.11 -2.55 -2.25
C ALA A 29 -14.61 -2.33 -2.43
N GLU A 30 -15.03 -1.08 -2.57
CA GLU A 30 -16.44 -0.77 -2.71
C GLU A 30 -16.95 -1.34 -4.07
N LEU A 31 -16.12 -1.21 -5.09
CA LEU A 31 -16.47 -1.72 -6.45
C LEU A 31 -16.67 -3.23 -6.38
N LEU A 32 -15.82 -3.90 -5.61
CA LEU A 32 -15.80 -5.35 -5.50
C LEU A 32 -16.75 -5.90 -4.45
N GLY A 33 -17.32 -4.99 -3.67
CA GLY A 33 -18.19 -5.33 -2.56
C GLY A 33 -17.45 -6.17 -1.51
N ARG A 34 -16.20 -5.83 -1.24
CA ARG A 34 -15.47 -6.60 -0.24
C ARG A 34 -14.84 -5.68 0.80
N GLU A 35 -14.03 -6.29 1.67
CA GLU A 35 -13.43 -5.56 2.76
C GLU A 35 -12.29 -4.68 2.29
N PHE A 36 -12.07 -3.55 2.96
CA PHE A 36 -10.89 -2.76 2.77
C PHE A 36 -10.17 -2.59 4.14
N LEU A 37 -8.87 -2.77 4.12
CA LEU A 37 -8.03 -2.55 5.27
C LEU A 37 -6.74 -1.84 4.90
N ASP A 38 -6.27 -0.98 5.80
CA ASP A 38 -5.03 -0.23 5.63
C ASP A 38 -4.04 -0.78 6.68
N SER A 39 -2.91 -1.37 6.27
CA SER A 39 -2.09 -2.06 7.26
C SER A 39 -1.51 -1.01 8.22
N ASP A 40 -1.26 0.23 7.78
CA ASP A 40 -0.77 1.24 8.72
C ASP A 40 -1.80 1.43 9.84
N HIS A 41 -3.06 1.55 9.44
CA HIS A 41 -4.08 1.78 10.41
C HIS A 41 -4.31 0.56 11.29
N GLU A 42 -4.14 -0.62 10.73
CA GLU A 42 -4.30 -1.83 11.53
C GLU A 42 -3.19 -1.97 12.60
N ILE A 43 -1.99 -1.54 12.26
CA ILE A 43 -0.88 -1.56 13.19
C ILE A 43 -1.20 -0.60 14.36
N GLU A 44 -1.71 0.60 14.06
CA GLU A 44 -2.11 1.54 15.10
C GLU A 44 -3.21 0.96 15.97
N ARG A 45 -4.17 0.31 15.33
CA ARG A 45 -5.30 -0.27 16.06
C ARG A 45 -4.81 -1.36 17.01
N LYS A 46 -4.06 -2.28 16.47
CA LYS A 46 -3.57 -3.40 17.26
C LYS A 46 -2.61 -2.99 18.38
N THR A 47 -1.81 -1.94 18.17
CA THR A 47 -0.82 -1.50 19.19
C THR A 47 -1.39 -0.51 20.20
N GLY A 48 -2.43 0.21 19.78
CA GLY A 48 -2.98 1.29 20.58
C GLY A 48 -2.02 2.47 20.59
N ALA A 49 -1.15 2.62 19.58
CA ALA A 49 -0.20 3.76 19.54
C ALA A 49 -0.10 4.27 18.13
N THR A 50 0.31 5.51 17.95
CA THR A 50 0.44 6.04 16.57
C THR A 50 1.76 5.52 15.98
N ILE A 51 1.90 5.63 14.66
CA ILE A 51 3.16 5.19 14.03
C ILE A 51 4.36 6.09 14.42
N PRO A 52 4.13 7.43 14.61
CA PRO A 52 5.24 8.22 15.16
C PRO A 52 5.66 7.70 16.55
N TRP A 53 4.72 7.25 17.36
CA TRP A 53 5.08 6.84 18.72
C TRP A 53 5.88 5.53 18.61
N ILE A 54 5.45 4.65 17.73
CA ILE A 54 6.15 3.36 17.55
C ILE A 54 7.56 3.64 17.10
N PHE A 55 7.70 4.53 16.11
CA PHE A 55 9.05 4.83 15.65
C PHE A 55 9.88 5.45 16.80
N GLU A 56 9.28 6.35 17.55
CA GLU A 56 10.07 7.02 18.61
C GLU A 56 10.49 6.03 19.68
N LYS A 57 9.57 5.21 20.14
CA LYS A 57 9.85 4.37 21.32
C LYS A 57 10.38 3.01 21.01
N GLU A 58 10.11 2.51 19.80
CA GLU A 58 10.57 1.20 19.39
C GLU A 58 11.51 1.23 18.17
N GLY A 59 11.73 2.39 17.57
CA GLY A 59 12.55 2.47 16.39
C GLY A 59 11.88 1.92 15.16
N GLU A 60 12.52 2.18 14.04
CA GLU A 60 12.03 1.63 12.77
C GLU A 60 12.02 0.09 12.81
N VAL A 61 13.01 -0.49 13.47
CA VAL A 61 13.03 -1.95 13.60
C VAL A 61 11.75 -2.44 14.35
N GLY A 62 11.35 -1.75 15.41
CA GLY A 62 10.15 -2.19 16.11
C GLY A 62 8.88 -2.00 15.25
N PHE A 63 8.84 -0.92 14.48
CA PHE A 63 7.76 -0.82 13.50
C PHE A 63 7.75 -1.97 12.48
N ARG A 64 8.92 -2.31 11.91
CA ARG A 64 8.96 -3.41 10.91
C ARG A 64 8.54 -4.76 11.48
N THR A 65 8.91 -5.05 12.72
CA THR A 65 8.55 -6.34 13.29
C THR A 65 7.06 -6.35 13.54
N ARG A 66 6.50 -5.22 13.98
CA ARG A 66 5.00 -5.18 14.11
C ARG A 66 4.29 -5.27 12.76
N GLU A 67 4.83 -4.55 11.77
CA GLU A 67 4.23 -4.54 10.42
C GLU A 67 4.25 -5.94 9.79
N THR A 68 5.32 -6.74 10.02
CA THR A 68 5.41 -8.03 9.36
C THR A 68 4.37 -8.94 9.92
N VAL A 69 4.16 -8.84 11.23
CA VAL A 69 3.18 -9.70 11.94
C VAL A 69 1.74 -9.37 11.44
N VAL A 70 1.45 -8.07 11.36
CA VAL A 70 0.16 -7.65 10.84
C VAL A 70 -0.02 -8.10 9.39
N LEU A 71 1.01 -7.88 8.53
CA LEU A 71 0.87 -8.28 7.13
C LEU A 71 0.70 -9.77 6.99
N ASN A 72 1.43 -10.53 7.79
CA ASN A 72 1.25 -11.97 7.76
C ASN A 72 -0.18 -12.33 8.03
N GLU A 73 -0.79 -11.65 9.00
CA GLU A 73 -2.16 -12.00 9.34
C GLU A 73 -3.13 -11.53 8.25
N LEU A 74 -2.95 -10.29 7.78
CA LEU A 74 -3.99 -9.73 6.87
C LEU A 74 -3.93 -10.43 5.51
N THR A 75 -2.72 -10.80 5.07
CA THR A 75 -2.61 -11.52 3.81
C THR A 75 -3.14 -12.91 3.89
N SER A 76 -3.49 -13.38 5.08
CA SER A 76 -4.06 -14.70 5.19
C SER A 76 -5.58 -14.66 5.19
N ARG A 77 -6.14 -13.47 5.14
CA ARG A 77 -7.61 -13.34 5.10
C ARG A 77 -8.12 -13.54 3.71
N LYS A 78 -9.45 -13.59 3.56
CA LYS A 78 -10.07 -13.69 2.25
C LYS A 78 -10.80 -12.39 1.86
N ALA A 79 -11.04 -12.23 0.56
CA ALA A 79 -11.97 -11.23 0.07
C ALA A 79 -11.57 -9.86 0.60
N LEU A 80 -10.30 -9.51 0.39
CA LEU A 80 -9.78 -8.24 0.90
C LEU A 80 -9.12 -7.40 -0.18
N VAL A 81 -9.22 -6.11 0.01
CA VAL A 81 -8.27 -5.16 -0.61
C VAL A 81 -7.49 -4.56 0.51
N LEU A 82 -6.18 -4.57 0.37
CA LEU A 82 -5.28 -4.10 1.41
C LEU A 82 -4.40 -2.98 0.88
N ALA A 83 -4.40 -1.84 1.55
CA ALA A 83 -3.38 -0.81 1.32
C ALA A 83 -2.22 -1.16 2.26
N THR A 84 -1.05 -1.39 1.68
CA THR A 84 0.14 -1.71 2.48
C THR A 84 0.87 -0.45 2.86
N GLY A 85 1.80 -0.53 3.82
CA GLY A 85 2.57 0.64 4.15
C GLY A 85 3.64 0.93 3.11
N GLY A 86 4.06 2.18 2.99
CA GLY A 86 5.01 2.57 1.96
C GLY A 86 6.34 1.79 1.97
N GLY A 87 6.79 1.33 3.14
CA GLY A 87 8.06 0.65 3.24
C GLY A 87 7.88 -0.82 3.47
N ALA A 88 6.68 -1.32 3.29
CA ALA A 88 6.42 -2.74 3.57
C ALA A 88 7.31 -3.65 2.74
N ILE A 89 7.58 -3.25 1.49
CA ILE A 89 8.38 -4.08 0.56
C ILE A 89 9.89 -4.03 0.86
N THR A 90 10.30 -3.27 1.88
CA THR A 90 11.72 -3.27 2.26
C THR A 90 12.15 -4.57 2.93
N GLN A 91 11.18 -5.37 3.37
CA GLN A 91 11.53 -6.59 4.13
C GLN A 91 11.17 -7.82 3.33
N ALA A 92 12.14 -8.72 3.17
CA ALA A 92 11.93 -9.94 2.39
C ALA A 92 10.71 -10.77 2.78
N PRO A 93 10.45 -11.01 4.09
CA PRO A 93 9.25 -11.82 4.37
C PRO A 93 7.99 -11.12 3.83
N ASN A 94 7.91 -9.78 3.89
CA ASN A 94 6.69 -9.10 3.42
C ASN A 94 6.53 -9.25 1.90
N ARG A 95 7.64 -9.07 1.18
CA ARG A 95 7.60 -9.25 -0.29
C ARG A 95 7.05 -10.57 -0.65
N GLU A 96 7.48 -11.61 0.07
CA GLU A 96 6.97 -12.92 -0.14
C GLU A 96 5.47 -13.08 0.18
N PHE A 97 5.02 -12.59 1.33
CA PHE A 97 3.60 -12.70 1.68
C PHE A 97 2.76 -12.04 0.58
N LEU A 98 3.16 -10.85 0.17
CA LEU A 98 2.33 -10.11 -0.79
C LEU A 98 2.26 -10.82 -2.15
N LYS A 99 3.43 -11.18 -2.67
CA LYS A 99 3.54 -11.79 -4.01
C LYS A 99 2.81 -13.09 -4.13
N GLN A 100 2.90 -13.88 -3.06
CA GLN A 100 2.42 -15.24 -3.08
C GLN A 100 1.00 -15.39 -2.56
N ARG A 101 0.40 -14.35 -1.95
CA ARG A 101 -0.95 -14.49 -1.37
C ARG A 101 -2.06 -13.56 -2.00
N GLY A 102 -1.80 -13.02 -3.16
CA GLY A 102 -2.85 -12.34 -3.91
C GLY A 102 -2.26 -11.59 -5.09
N ILE A 103 -2.99 -10.59 -5.58
CA ILE A 103 -2.61 -9.78 -6.72
C ILE A 103 -2.03 -8.47 -6.24
N VAL A 104 -0.79 -8.15 -6.62
CA VAL A 104 -0.12 -6.94 -6.13
C VAL A 104 -0.10 -5.88 -7.23
N VAL A 105 -0.54 -4.66 -6.86
CA VAL A 105 -0.59 -3.55 -7.81
C VAL A 105 0.26 -2.40 -7.27
N TYR A 106 1.22 -1.97 -8.08
CA TYR A 106 2.10 -0.86 -7.73
C TYR A 106 1.53 0.43 -8.33
N LEU A 107 1.18 1.32 -7.41
CA LEU A 107 0.75 2.68 -7.77
C LEU A 107 2.00 3.60 -7.92
N TYR A 108 2.55 3.60 -9.10
CA TYR A 108 3.73 4.42 -9.36
C TYR A 108 3.32 5.85 -9.26
N THR A 109 4.02 6.60 -8.42
CA THR A 109 3.68 7.97 -8.16
C THR A 109 4.95 8.81 -8.21
N PRO A 110 4.95 9.86 -9.02
CA PRO A 110 6.11 10.75 -9.09
C PRO A 110 6.39 11.46 -7.75
N VAL A 111 7.65 11.84 -7.54
CA VAL A 111 8.01 12.43 -6.25
C VAL A 111 7.20 13.71 -6.01
N GLU A 112 6.98 14.46 -7.10
CA GLU A 112 6.28 15.76 -7.01
C GLU A 112 4.94 15.55 -6.34
N LEU A 113 4.22 14.52 -6.77
CA LEU A 113 2.91 14.22 -6.23
C LEU A 113 3.00 13.62 -4.84
N GLN A 114 4.01 12.78 -4.57
CA GLN A 114 4.22 12.29 -3.20
C GLN A 114 4.37 13.46 -2.17
N LEU A 115 5.16 14.42 -2.59
CA LEU A 115 5.45 15.63 -1.84
C LEU A 115 4.18 16.44 -1.56
N GLN A 116 3.36 16.64 -2.58
CA GLN A 116 2.14 17.40 -2.39
C GLN A 116 1.21 16.71 -1.43
N ARG A 117 1.01 15.41 -1.64
CA ARG A 117 0.07 14.63 -0.82
C ARG A 117 0.50 14.36 0.64
N THR A 118 1.79 14.49 0.94
CA THR A 118 2.32 14.36 2.31
C THR A 118 2.74 15.68 2.95
N TYR A 119 2.38 16.79 2.30
CA TYR A 119 2.75 18.12 2.75
C TYR A 119 2.29 18.36 4.18
N ARG A 120 3.23 18.66 5.05
CA ARG A 120 2.98 18.90 6.49
C ARG A 120 2.17 17.82 7.19
N ASP A 121 2.27 16.58 6.72
CA ASP A 121 1.68 15.43 7.41
C ASP A 121 2.67 14.94 8.48
N LYS A 122 2.41 15.28 9.74
CA LYS A 122 3.32 14.87 10.83
C LYS A 122 3.23 13.38 11.18
N ASN A 123 2.24 12.67 10.63
CA ASN A 123 2.13 11.25 10.90
C ASN A 123 3.08 10.35 10.09
N ARG A 124 3.94 10.93 9.24
CA ARG A 124 4.90 10.16 8.42
C ARG A 124 6.29 10.33 9.03
N PRO A 125 6.71 9.43 9.93
CA PRO A 125 7.95 9.72 10.67
C PRO A 125 9.13 9.93 9.75
N LEU A 126 9.20 9.22 8.61
CA LEU A 126 10.43 9.33 7.83
C LEU A 126 10.51 10.69 7.16
N LEU A 127 9.43 11.43 7.10
CA LEU A 127 9.46 12.73 6.36
C LEU A 127 9.59 13.90 7.29
N GLN A 128 9.79 13.63 8.58
CA GLN A 128 9.94 14.74 9.53
C GLN A 128 11.39 15.18 9.49
N VAL A 129 11.78 15.75 8.35
CA VAL A 129 13.19 16.06 8.07
C VAL A 129 13.25 17.42 7.36
N GLU A 130 14.44 18.02 7.25
CA GLU A 130 14.54 19.35 6.69
C GLU A 130 14.21 19.37 5.21
N ASN A 131 14.55 18.28 4.52
CA ASN A 131 14.36 18.14 3.05
C ASN A 131 13.53 16.92 2.71
N PRO A 132 12.22 17.00 2.91
CA PRO A 132 11.43 15.80 2.63
C PRO A 132 11.47 15.39 1.13
N GLU A 133 11.69 16.33 0.21
CA GLU A 133 11.69 15.97 -1.19
C GLU A 133 12.87 15.05 -1.45
N GLN A 134 14.03 15.41 -0.95
CA GLN A 134 15.21 14.58 -1.22
C GLN A 134 14.99 13.20 -0.60
N LYS A 135 14.36 13.16 0.58
CA LYS A 135 14.12 11.90 1.29
C LYS A 135 13.24 10.98 0.45
N LEU A 136 12.15 11.52 -0.08
CA LEU A 136 11.24 10.76 -0.92
C LEU A 136 11.98 10.26 -2.15
N ARG A 137 12.84 11.10 -2.69
CA ARG A 137 13.60 10.76 -3.88
C ARG A 137 14.54 9.60 -3.55
N ASP A 138 15.26 9.71 -2.43
CA ASP A 138 16.19 8.68 -2.01
C ASP A 138 15.48 7.35 -1.77
N LEU A 139 14.30 7.43 -1.16
CA LEU A 139 13.52 6.28 -0.85
C LEU A 139 13.05 5.59 -2.10
N LEU A 140 12.60 6.40 -3.06
CA LEU A 140 12.13 5.87 -4.32
C LEU A 140 13.25 5.16 -5.08
N LYS A 141 14.46 5.71 -5.02
CA LYS A 141 15.56 5.12 -5.75
C LYS A 141 15.77 3.71 -5.26
N ILE A 142 15.60 3.52 -3.96
CA ILE A 142 15.80 2.21 -3.34
C ILE A 142 14.61 1.29 -3.55
N ARG A 143 13.43 1.84 -3.42
CA ARG A 143 12.23 1.02 -3.31
C ARG A 143 11.49 0.77 -4.63
N ASP A 144 11.71 1.66 -5.59
CA ASP A 144 11.09 1.44 -6.91
C ASP A 144 11.35 0.04 -7.47
N PRO A 145 12.61 -0.47 -7.42
CA PRO A 145 12.74 -1.82 -7.98
C PRO A 145 11.98 -2.87 -7.13
N LEU A 146 11.88 -2.62 -5.83
CA LEU A 146 11.20 -3.56 -4.97
C LEU A 146 9.69 -3.53 -5.21
N TYR A 147 9.15 -2.34 -5.43
CA TYR A 147 7.72 -2.23 -5.72
C TYR A 147 7.42 -3.01 -7.01
N ARG A 148 8.27 -2.81 -8.01
CA ARG A 148 8.05 -3.44 -9.34
C ARG A 148 8.22 -4.96 -9.28
N GLU A 149 9.22 -5.40 -8.50
CA GLU A 149 9.46 -6.82 -8.42
C GLU A 149 8.27 -7.55 -7.77
N VAL A 150 7.67 -6.99 -6.71
CA VAL A 150 6.58 -7.69 -6.03
C VAL A 150 5.29 -7.54 -6.90
N ALA A 151 5.21 -6.45 -7.65
CA ALA A 151 3.94 -6.16 -8.33
C ALA A 151 3.67 -7.02 -9.52
N HIS A 152 2.43 -7.49 -9.57
CA HIS A 152 1.92 -8.14 -10.76
C HIS A 152 1.56 -7.13 -11.81
N TYR A 153 1.06 -5.98 -11.37
CA TYR A 153 0.66 -4.89 -12.25
C TYR A 153 1.27 -3.60 -11.73
N THR A 154 1.79 -2.77 -12.62
CA THR A 154 2.19 -1.42 -12.21
C THR A 154 1.38 -0.44 -13.03
N ILE A 155 0.72 0.49 -12.35
CA ILE A 155 0.01 1.57 -13.00
C ILE A 155 0.68 2.92 -12.67
N GLU A 156 1.09 3.59 -13.74
CA GLU A 156 1.80 4.88 -13.67
C GLU A 156 0.80 5.97 -13.44
N THR A 157 0.47 6.21 -12.17
CA THR A 157 -0.57 7.18 -11.80
C THR A 157 -0.20 8.70 -11.87
N ASN A 158 -1.14 9.53 -11.47
CA ASN A 158 -1.01 10.96 -11.67
C ASN A 158 -2.21 11.54 -10.98
N GLN A 159 -2.25 12.86 -10.81
CA GLN A 159 -3.37 13.55 -10.17
C GLN A 159 -4.72 13.13 -10.82
N GLY A 160 -5.65 12.60 -10.03
CA GLY A 160 -6.95 12.21 -10.60
C GLY A 160 -7.94 11.69 -9.58
N ALA A 161 -9.16 11.38 -10.02
CA ALA A 161 -10.10 10.74 -9.14
C ALA A 161 -9.56 9.36 -8.70
N ALA A 162 -9.38 9.18 -7.41
CA ALA A 162 -9.03 7.83 -6.91
C ALA A 162 -9.97 6.73 -7.48
N ARG A 163 -11.28 7.04 -7.65
CA ARG A 163 -12.21 6.02 -8.12
C ARG A 163 -11.92 5.66 -9.60
N ASP A 164 -11.49 6.64 -10.39
CA ASP A 164 -11.10 6.35 -11.81
C ASP A 164 -9.89 5.36 -11.87
N LEU A 165 -8.94 5.56 -10.95
CA LEU A 165 -7.78 4.69 -10.89
C LEU A 165 -8.21 3.28 -10.40
N ALA A 166 -9.08 3.18 -9.39
CA ALA A 166 -9.64 1.92 -8.99
C ALA A 166 -10.33 1.15 -10.13
N GLN A 167 -11.10 1.85 -10.93
CA GLN A 167 -11.75 1.23 -12.10
C GLN A 167 -10.71 0.67 -13.05
N LYS A 168 -9.69 1.48 -13.28
CA LYS A 168 -8.63 1.12 -14.24
C LYS A 168 -7.90 -0.16 -13.74
N ILE A 169 -7.66 -0.21 -12.46
CA ILE A 169 -6.96 -1.35 -11.88
C ILE A 169 -7.81 -2.62 -12.05
N LEU A 170 -9.10 -2.49 -11.78
CA LEU A 170 -10.00 -3.62 -11.90
C LEU A 170 -10.07 -4.09 -13.39
N GLN A 171 -10.12 -3.16 -14.32
CA GLN A 171 -10.09 -3.49 -15.73
C GLN A 171 -8.81 -4.26 -16.12
N LEU A 172 -7.66 -3.76 -15.63
CA LEU A 172 -6.38 -4.42 -15.87
C LEU A 172 -6.38 -5.86 -15.37
N ILE A 173 -6.80 -6.03 -14.13
CA ILE A 173 -6.83 -7.35 -13.53
C ILE A 173 -7.77 -8.29 -14.32
N LEU A 174 -8.97 -7.84 -14.66
CA LEU A 174 -9.90 -8.76 -15.30
C LEU A 174 -9.59 -9.03 -16.77
N SER A 175 -8.83 -8.11 -17.35
CA SER A 175 -8.53 -8.11 -18.76
C SER A 175 -7.90 -9.46 -19.09
N ASN A 176 -6.79 -9.70 -18.38
CA ASN A 176 -6.11 -10.99 -18.28
C ASN A 176 -7.08 -12.17 -18.20
N LYS A 177 -7.83 -12.17 -17.12
CA LYS A 177 -8.55 -13.34 -16.63
C LYS A 177 -9.87 -13.78 -17.30
N LEU A 178 -10.56 -12.85 -17.96
CA LEU A 178 -11.88 -13.17 -18.50
C LEU A 178 -11.86 -13.75 -19.88
N LYS A 179 -10.73 -13.68 -20.58
CA LYS A 179 -10.70 -14.10 -21.98
C LYS A 179 -11.07 -15.59 -22.11
#